data_6Y4I
#
_entry.id   6Y4I
#
_cell.length_a   92.612
_cell.length_b   92.612
_cell.length_c   129.969
_cell.angle_alpha   90.000
_cell.angle_beta   90.000
_cell.angle_gamma   120.000
#
_symmetry.space_group_name_H-M   'P 61 2 2'
#
loop_
_entity.id
_entity.type
_entity.pdbx_description
1 polymer Thermolysin
2 non-polymer 'CALCIUM ION'
3 non-polymer 'ZINC ION'
4 non-polymer 'DIMETHYL SULFOXIDE'
5 non-polymer N-[(S)-[(1R)-1-{[(benzyloxy)carbonyl]amino}-2-phenylethyl](hydroxy)phosphoryl]-L-leucyl-L-alanine
6 non-polymer 'CESIUM ION'
7 water water
#
_entity_poly.entity_id   1
_entity_poly.type   'polypeptide(L)'
_entity_poly.pdbx_seq_one_letter_code
;ITGTSTVGVGRGVLGDQKNINTTYSTYYYLQDNTRGNGIFTYDAKYRTTLPGSLWADADNQFFASYDAPAVDAHYYAGVT
YDYYKNVHNRLSYDGNNAAIRSSVHYSQGYNNAFWNGSQMVYGDGDGQTFIPLSGGIDVVAHELTHAVTDYTAGLIYQNE
SGAINEAISDIFGTLVEFYANKNPDWEIGEDVYTPGISGDSLRSMSDPAKYGDPDHYSKRYTGTQDNGGVHINSGIINKA
AYLISQGGTHYGVSVVGIGRDKLGKIFYRALTQYLTPTSNFSQLRAAAVQSATDLYGSTSQEVASVKQAFDAVGVK
;
_entity_poly.pdbx_strand_id   E
#
loop_
_chem_comp.id
_chem_comp.type
_chem_comp.name
_chem_comp.formula
0PK peptide-like N-[(S)-[(1R)-1-{[(benzyloxy)carbonyl]amino}-2-phenylethyl](hydroxy)phosphoryl]-L-leucyl-L-alanine 'C25 H34 N3 O7 P'
CA non-polymer 'CALCIUM ION' 'Ca 2'
CS non-polymer 'CESIUM ION' 'Cs 1'
DMS non-polymer 'DIMETHYL SULFOXIDE' 'C2 H6 O S'
ZN non-polymer 'ZINC ION' 'Zn 2'
#
# COMPACT_ATOMS: atom_id res chain seq x y z
N ILE A 1 7.40 -24.75 0.31
CA ILE A 1 7.57 -26.20 0.10
C ILE A 1 8.46 -26.46 -1.12
N THR A 2 9.08 -27.62 -1.16
CA THR A 2 9.84 -28.02 -2.34
C THR A 2 8.89 -28.61 -3.38
N GLY A 3 8.99 -28.12 -4.60
CA GLY A 3 8.13 -28.61 -5.66
C GLY A 3 8.51 -27.95 -6.97
N THR A 4 7.62 -28.02 -7.93
CA THR A 4 7.91 -27.44 -9.24
C THR A 4 6.95 -26.29 -9.49
N SER A 5 7.48 -25.25 -10.13
CA SER A 5 6.69 -24.05 -10.39
C SER A 5 5.65 -24.31 -11.47
N THR A 6 4.43 -23.86 -11.19
CA THR A 6 3.26 -24.10 -12.02
C THR A 6 2.49 -22.79 -12.16
N VAL A 7 1.49 -22.77 -13.03
CA VAL A 7 0.68 -21.59 -13.27
C VAL A 7 -0.78 -21.99 -13.16
N GLY A 8 -1.44 -21.51 -12.11
CA GLY A 8 -2.87 -21.73 -11.93
C GLY A 8 -3.67 -20.57 -12.49
N VAL A 9 -4.99 -20.73 -12.44
N VAL A 9 -4.99 -20.74 -12.45
CA VAL A 9 -5.91 -19.71 -12.93
CA VAL A 9 -5.93 -19.74 -12.94
C VAL A 9 -7.05 -19.62 -11.95
C VAL A 9 -7.06 -19.62 -11.92
N GLY A 10 -7.55 -18.41 -11.73
CA GLY A 10 -8.65 -18.23 -10.80
C GLY A 10 -9.32 -16.89 -11.00
N ARG A 11 -10.26 -16.60 -10.11
N ARG A 11 -10.17 -16.56 -10.03
CA ARG A 11 -10.95 -15.32 -10.11
CA ARG A 11 -10.99 -15.36 -10.05
C ARG A 11 -10.73 -14.63 -8.77
C ARG A 11 -10.78 -14.62 -8.74
N GLY A 12 -10.52 -13.32 -8.83
CA GLY A 12 -10.35 -12.50 -7.65
C GLY A 12 -11.67 -12.02 -7.06
N VAL A 13 -11.54 -11.20 -6.03
CA VAL A 13 -12.69 -10.71 -5.26
C VAL A 13 -13.70 -9.99 -6.13
N LEU A 14 -13.23 -9.24 -7.13
N LEU A 14 -13.23 -9.24 -7.13
CA LEU A 14 -14.11 -8.50 -8.03
CA LEU A 14 -14.11 -8.49 -8.02
C LEU A 14 -14.51 -9.30 -9.27
C LEU A 14 -14.61 -9.32 -9.20
N GLY A 15 -14.25 -10.60 -9.28
CA GLY A 15 -14.74 -11.45 -10.35
C GLY A 15 -13.88 -11.50 -11.59
N ASP A 16 -12.70 -10.94 -11.55
CA ASP A 16 -11.79 -10.91 -12.70
C ASP A 16 -10.89 -12.14 -12.70
N GLN A 17 -10.68 -12.70 -13.88
CA GLN A 17 -9.84 -13.88 -14.03
C GLN A 17 -8.38 -13.46 -14.13
N LYS A 18 -7.51 -14.19 -13.44
CA LYS A 18 -6.08 -13.93 -13.56
C LYS A 18 -5.31 -15.22 -13.36
N ASN A 19 -4.11 -15.26 -13.92
CA ASN A 19 -3.18 -16.36 -13.70
C ASN A 19 -2.37 -16.09 -12.46
N ILE A 20 -2.04 -17.16 -11.72
N ILE A 20 -2.04 -17.16 -11.72
CA ILE A 20 -1.23 -17.04 -10.52
CA ILE A 20 -1.28 -17.07 -10.49
C ILE A 20 -0.13 -18.08 -10.54
C ILE A 20 -0.15 -18.10 -10.51
N ASN A 21 1.01 -17.70 -9.99
CA ASN A 21 2.15 -18.60 -9.87
C ASN A 21 1.98 -19.49 -8.66
N THR A 22 1.99 -20.81 -8.88
CA THR A 22 1.79 -21.80 -7.84
C THR A 22 2.97 -22.76 -7.84
N THR A 23 2.95 -23.69 -6.88
CA THR A 23 3.96 -24.72 -6.75
C THR A 23 3.26 -26.06 -6.56
N TYR A 24 3.66 -27.06 -7.34
CA TYR A 24 3.05 -28.38 -7.26
C TYR A 24 3.93 -29.35 -6.49
N SER A 25 3.33 -29.97 -5.47
CA SER A 25 3.92 -31.12 -4.77
C SER A 25 2.72 -31.76 -4.05
N THR A 26 2.12 -32.75 -4.71
CA THR A 26 0.87 -33.39 -4.31
C THR A 26 -0.33 -32.46 -4.49
N TYR A 27 -0.32 -31.31 -3.82
CA TYR A 27 -1.26 -30.23 -4.04
C TYR A 27 -0.58 -29.11 -4.82
N TYR A 28 -1.41 -28.22 -5.35
CA TYR A 28 -0.95 -26.94 -5.86
C TYR A 28 -1.06 -25.90 -4.76
N TYR A 29 0.07 -25.30 -4.41
CA TYR A 29 0.15 -24.34 -3.32
C TYR A 29 0.29 -22.93 -3.86
N LEU A 30 -0.27 -21.96 -3.15
CA LEU A 30 -0.05 -20.54 -3.46
C LEU A 30 1.35 -20.15 -2.99
N GLN A 31 2.31 -20.52 -3.83
CA GLN A 31 3.73 -20.28 -3.61
C GLN A 31 4.30 -19.92 -4.98
N ASP A 32 4.67 -18.65 -5.14
CA ASP A 32 5.19 -18.09 -6.38
C ASP A 32 6.70 -18.07 -6.25
N ASN A 33 7.39 -18.94 -7.00
CA ASN A 33 8.84 -19.02 -6.94
C ASN A 33 9.53 -18.07 -7.92
N THR A 34 8.76 -17.33 -8.72
CA THR A 34 9.33 -16.48 -9.76
C THR A 34 9.84 -15.16 -9.24
N ARG A 35 9.56 -14.81 -7.98
CA ARG A 35 9.90 -13.52 -7.43
C ARG A 35 10.70 -13.72 -6.14
N GLY A 36 11.96 -13.29 -6.16
CA GLY A 36 12.79 -13.32 -4.97
C GLY A 36 12.85 -14.71 -4.38
N ASN A 37 12.74 -14.78 -3.06
CA ASN A 37 12.69 -16.04 -2.34
C ASN A 37 11.28 -16.50 -2.07
N GLY A 38 10.34 -16.03 -2.89
CA GLY A 38 9.01 -16.56 -2.94
C GLY A 38 7.97 -15.62 -2.37
N ILE A 39 6.75 -15.79 -2.86
CA ILE A 39 5.54 -15.19 -2.32
C ILE A 39 4.64 -16.33 -1.91
N PHE A 40 4.20 -16.31 -0.66
CA PHE A 40 3.48 -17.41 -0.03
C PHE A 40 2.18 -16.87 0.54
N THR A 41 1.06 -17.50 0.20
CA THR A 41 -0.26 -17.07 0.68
C THR A 41 -0.90 -18.20 1.47
N TYR A 42 -1.47 -17.83 2.62
CA TYR A 42 -1.95 -18.75 3.65
C TYR A 42 -3.43 -18.54 3.94
N ASP A 43 -4.07 -19.61 4.40
CA ASP A 43 -5.47 -19.61 4.85
C ASP A 43 -5.50 -19.51 6.38
N ALA A 44 -6.05 -18.40 6.91
CA ALA A 44 -6.27 -18.28 8.35
C ALA A 44 -7.60 -18.88 8.79
N LYS A 45 -8.47 -19.28 7.87
CA LYS A 45 -9.63 -20.14 8.18
C LYS A 45 -10.59 -19.51 9.16
N TYR A 46 -10.73 -18.19 9.10
CA TYR A 46 -11.62 -17.39 9.94
C TYR A 46 -11.15 -17.28 11.37
N ARG A 47 -9.96 -17.77 11.68
CA ARG A 47 -9.39 -17.62 13.01
C ARG A 47 -8.29 -16.55 13.00
N THR A 48 -7.68 -16.35 14.16
CA THR A 48 -6.68 -15.30 14.32
C THR A 48 -5.28 -15.85 14.53
N THR A 49 -5.10 -17.17 14.49
CA THR A 49 -3.77 -17.77 14.52
C THR A 49 -3.07 -17.49 13.19
N LEU A 50 -1.81 -17.05 13.25
CA LEU A 50 -1.08 -16.71 12.04
C LEU A 50 0.22 -17.49 11.96
N PRO A 51 0.65 -17.85 10.73
CA PRO A 51 0.01 -17.49 9.46
C PRO A 51 -1.21 -18.33 9.05
N GLY A 52 -1.40 -19.47 9.71
CA GLY A 52 -2.36 -20.44 9.23
C GLY A 52 -1.67 -21.44 8.32
N SER A 53 -2.39 -22.06 7.38
N SER A 53 -2.39 -21.99 7.36
CA SER A 53 -1.81 -23.12 6.56
CA SER A 53 -1.89 -23.04 6.50
C SER A 53 -1.57 -22.63 5.14
C SER A 53 -1.52 -22.49 5.13
N LEU A 54 -0.39 -22.93 4.60
CA LEU A 54 -0.04 -22.54 3.23
C LEU A 54 -1.17 -23.02 2.32
N TRP A 55 -1.65 -22.13 1.45
CA TRP A 55 -2.88 -22.42 0.72
C TRP A 55 -2.66 -23.56 -0.25
N ALA A 56 -3.45 -24.62 -0.09
CA ALA A 56 -3.35 -25.83 -0.90
C ALA A 56 -4.64 -26.03 -1.70
N ASP A 57 -4.49 -26.46 -2.94
CA ASP A 57 -5.61 -26.63 -3.86
C ASP A 57 -5.37 -27.87 -4.70
N ALA A 58 -6.42 -28.68 -4.88
CA ALA A 58 -6.25 -29.97 -5.55
C ALA A 58 -5.95 -29.85 -7.04
N ASP A 59 -6.51 -28.84 -7.76
CA ASP A 59 -6.51 -28.86 -9.21
C ASP A 59 -5.91 -27.63 -9.88
N ASN A 60 -5.36 -26.67 -9.12
CA ASN A 60 -4.71 -25.49 -9.68
C ASN A 60 -5.70 -24.52 -10.33
N GLN A 61 -6.98 -24.67 -10.02
CA GLN A 61 -8.04 -23.77 -10.47
C GLN A 61 -8.65 -23.13 -9.23
N PHE A 62 -8.77 -21.80 -9.23
CA PHE A 62 -9.11 -21.06 -8.02
C PHE A 62 -10.32 -20.16 -8.29
N PHE A 63 -11.45 -20.81 -8.61
CA PHE A 63 -12.68 -20.11 -8.96
C PHE A 63 -13.75 -20.18 -7.89
N ALA A 64 -13.47 -20.79 -6.75
CA ALA A 64 -14.48 -20.82 -5.69
C ALA A 64 -14.52 -19.48 -4.98
N SER A 65 -15.70 -19.14 -4.45
N SER A 65 -15.69 -19.15 -4.42
CA SER A 65 -15.81 -17.90 -3.70
CA SER A 65 -15.80 -17.89 -3.70
C SER A 65 -14.76 -17.83 -2.59
C SER A 65 -14.80 -17.80 -2.55
N TYR A 66 -14.53 -18.94 -1.89
CA TYR A 66 -13.58 -18.95 -0.78
C TYR A 66 -12.16 -18.66 -1.27
N ASP A 67 -11.88 -18.96 -2.54
CA ASP A 67 -10.55 -18.77 -3.09
C ASP A 67 -10.23 -17.31 -3.42
N ALA A 68 -11.25 -16.50 -3.66
CA ALA A 68 -11.04 -15.19 -4.27
C ALA A 68 -10.10 -14.29 -3.48
N PRO A 69 -10.20 -14.18 -2.15
CA PRO A 69 -9.27 -13.28 -1.43
C PRO A 69 -7.84 -13.76 -1.53
N ALA A 70 -7.63 -15.07 -1.61
CA ALA A 70 -6.29 -15.62 -1.71
C ALA A 70 -5.68 -15.32 -3.08
N VAL A 71 -6.48 -15.49 -4.14
CA VAL A 71 -6.02 -15.17 -5.49
C VAL A 71 -5.48 -13.74 -5.53
N ASP A 72 -6.25 -12.79 -4.99
CA ASP A 72 -5.85 -11.39 -5.09
C ASP A 72 -4.70 -11.05 -4.16
N ALA A 73 -4.68 -11.58 -2.93
CA ALA A 73 -3.54 -11.31 -2.07
C ALA A 73 -2.25 -11.77 -2.73
N HIS A 74 -2.29 -12.95 -3.35
CA HIS A 74 -1.12 -13.55 -3.97
C HIS A 74 -0.71 -12.75 -5.20
N TYR A 75 -1.66 -12.47 -6.08
CA TYR A 75 -1.36 -11.78 -7.33
C TYR A 75 -0.90 -10.34 -7.08
N TYR A 76 -1.60 -9.62 -6.20
CA TYR A 76 -1.23 -8.22 -5.96
C TYR A 76 0.07 -8.10 -5.18
N ALA A 77 0.43 -9.09 -4.35
CA ALA A 77 1.76 -9.09 -3.78
C ALA A 77 2.81 -9.17 -4.88
N GLY A 78 2.54 -9.97 -5.92
CA GLY A 78 3.45 -10.05 -7.06
C GLY A 78 3.58 -8.73 -7.79
N VAL A 79 2.46 -8.04 -8.03
CA VAL A 79 2.53 -6.75 -8.70
C VAL A 79 3.37 -5.77 -7.86
N THR A 80 3.16 -5.80 -6.54
CA THR A 80 3.86 -4.88 -5.66
C THR A 80 5.36 -5.17 -5.66
N TYR A 81 5.72 -6.45 -5.60
CA TYR A 81 7.12 -6.84 -5.73
C TYR A 81 7.70 -6.30 -7.03
N ASP A 82 6.96 -6.46 -8.14
CA ASP A 82 7.45 -5.99 -9.44
C ASP A 82 7.66 -4.49 -9.44
N TYR A 83 6.73 -3.73 -8.86
CA TYR A 83 6.89 -2.29 -8.79
C TYR A 83 8.19 -1.92 -8.08
N TYR A 84 8.41 -2.47 -6.89
CA TYR A 84 9.61 -2.08 -6.13
C TYR A 84 10.88 -2.49 -6.87
N LYS A 85 10.89 -3.68 -7.48
CA LYS A 85 12.08 -4.13 -8.20
C LYS A 85 12.31 -3.32 -9.46
N ASN A 86 11.28 -3.17 -10.29
CA ASN A 86 11.46 -2.57 -11.59
C ASN A 86 11.59 -1.06 -11.52
N VAL A 87 10.91 -0.41 -10.57
CA VAL A 87 10.92 1.05 -10.51
C VAL A 87 12.02 1.57 -9.59
N HIS A 88 12.26 0.89 -8.46
CA HIS A 88 13.19 1.38 -7.46
C HIS A 88 14.40 0.49 -7.25
N ASN A 89 14.54 -0.59 -8.02
CA ASN A 89 15.66 -1.52 -7.85
C ASN A 89 15.74 -2.02 -6.40
N ARG A 90 14.57 -2.24 -5.79
CA ARG A 90 14.49 -2.82 -4.46
C ARG A 90 13.95 -4.23 -4.54
N LEU A 91 14.68 -5.17 -3.95
CA LEU A 91 14.35 -6.61 -3.99
C LEU A 91 13.60 -6.98 -2.71
N SER A 92 12.27 -7.07 -2.83
CA SER A 92 11.38 -7.32 -1.70
C SER A 92 11.47 -6.23 -0.63
N TYR A 93 10.80 -6.45 0.49
CA TYR A 93 10.66 -5.37 1.45
C TYR A 93 11.95 -5.07 2.18
N ASP A 94 12.83 -6.06 2.33
CA ASP A 94 14.08 -5.88 3.05
C ASP A 94 15.25 -5.54 2.13
N GLY A 95 15.02 -5.47 0.82
CA GLY A 95 16.09 -5.24 -0.13
C GLY A 95 16.95 -6.44 -0.42
N ASN A 96 16.66 -7.60 0.18
CA ASN A 96 17.43 -8.82 -0.02
C ASN A 96 16.50 -9.99 -0.33
N ASN A 97 15.37 -9.71 -0.98
CA ASN A 97 14.48 -10.76 -1.48
C ASN A 97 13.87 -11.61 -0.36
N ALA A 98 13.56 -11.00 0.78
CA ALA A 98 12.83 -11.72 1.82
C ALA A 98 11.54 -12.31 1.25
N ALA A 99 11.23 -13.53 1.69
CA ALA A 99 9.96 -14.14 1.32
C ALA A 99 8.80 -13.26 1.80
N ILE A 100 7.80 -13.13 0.94
CA ILE A 100 6.62 -12.31 1.23
C ILE A 100 5.47 -13.24 1.61
N ARG A 101 4.93 -13.08 2.80
CA ARG A 101 3.88 -13.95 3.31
C ARG A 101 2.62 -13.13 3.59
N SER A 102 1.46 -13.70 3.21
CA SER A 102 0.16 -13.09 3.44
C SER A 102 -0.81 -14.14 3.94
N SER A 103 -1.71 -13.76 4.84
CA SER A 103 -2.81 -14.62 5.23
C SER A 103 -4.14 -13.94 4.93
N VAL A 104 -5.09 -14.72 4.44
CA VAL A 104 -6.44 -14.24 4.16
C VAL A 104 -7.44 -15.01 5.01
N HIS A 105 -8.68 -14.57 4.98
CA HIS A 105 -9.74 -15.11 5.84
C HIS A 105 -9.34 -14.98 7.32
N TYR A 106 -8.75 -13.85 7.68
CA TYR A 106 -8.39 -13.58 9.06
C TYR A 106 -9.64 -13.18 9.84
N SER A 107 -9.92 -13.91 10.92
CA SER A 107 -11.04 -13.64 11.82
C SER A 107 -12.37 -13.73 11.09
N GLN A 108 -13.42 -13.18 11.69
CA GLN A 108 -14.77 -13.20 11.14
C GLN A 108 -15.24 -11.76 10.99
N GLY A 109 -15.66 -11.40 9.78
CA GLY A 109 -16.19 -10.07 9.53
C GLY A 109 -15.22 -8.94 9.82
N TYR A 110 -13.92 -9.19 9.58
CA TYR A 110 -12.88 -8.27 10.05
C TYR A 110 -12.66 -7.16 9.02
N ASN A 111 -12.94 -5.93 9.43
CA ASN A 111 -12.93 -4.76 8.54
C ASN A 111 -11.56 -4.08 8.56
N ASN A 112 -10.50 -4.84 8.29
CA ASN A 112 -9.18 -4.22 8.26
C ASN A 112 -8.19 -5.17 7.62
N ALA A 113 -6.97 -4.66 7.46
CA ALA A 113 -5.81 -5.39 6.99
C ALA A 113 -4.61 -4.81 7.71
N PHE A 114 -3.55 -5.59 7.85
CA PHE A 114 -2.41 -5.10 8.60
C PHE A 114 -1.14 -5.86 8.21
N TRP A 115 -0.03 -5.26 8.65
CA TRP A 115 1.28 -5.89 8.67
C TRP A 115 1.60 -6.14 10.15
N ASN A 116 1.89 -7.38 10.51
CA ASN A 116 2.04 -7.74 11.92
C ASN A 116 3.48 -7.75 12.39
N GLY A 117 4.39 -7.14 11.61
CA GLY A 117 5.83 -7.20 11.84
C GLY A 117 6.55 -8.26 11.04
N SER A 118 5.80 -9.23 10.51
CA SER A 118 6.36 -10.38 9.80
C SER A 118 5.63 -10.73 8.52
N GLN A 119 4.36 -10.36 8.36
CA GLN A 119 3.55 -10.79 7.24
C GLN A 119 2.37 -9.85 7.09
N MET A 120 1.72 -9.93 5.94
N MET A 120 1.74 -9.92 5.92
CA MET A 120 0.47 -9.23 5.69
CA MET A 120 0.47 -9.25 5.67
C MET A 120 -0.73 -10.09 6.07
C MET A 120 -0.69 -10.10 6.15
N VAL A 121 -1.79 -9.42 6.49
CA VAL A 121 -2.99 -10.08 7.01
C VAL A 121 -4.22 -9.34 6.49
N TYR A 122 -5.20 -10.07 5.96
CA TYR A 122 -6.40 -9.46 5.38
C TYR A 122 -7.66 -10.05 5.98
N GLY A 123 -8.53 -9.18 6.49
CA GLY A 123 -9.88 -9.60 6.81
C GLY A 123 -10.72 -9.80 5.56
N ASP A 124 -11.87 -10.45 5.76
CA ASP A 124 -12.88 -10.58 4.72
C ASP A 124 -13.85 -9.41 4.69
N GLY A 125 -13.82 -8.54 5.70
CA GLY A 125 -14.85 -7.53 5.84
C GLY A 125 -16.16 -8.14 6.31
N ASP A 126 -17.10 -7.28 6.68
CA ASP A 126 -18.42 -7.72 7.10
C ASP A 126 -19.45 -7.63 5.98
N GLY A 127 -19.03 -7.31 4.76
CA GLY A 127 -19.92 -7.16 3.64
C GLY A 127 -20.66 -5.84 3.59
N GLN A 128 -20.47 -4.98 4.59
CA GLN A 128 -21.10 -3.67 4.64
C GLN A 128 -20.05 -2.57 4.58
N THR A 129 -19.08 -2.59 5.49
CA THR A 129 -18.00 -1.61 5.44
C THR A 129 -16.93 -2.02 4.42
N PHE A 130 -16.59 -3.31 4.37
CA PHE A 130 -15.63 -3.84 3.41
C PHE A 130 -16.08 -5.19 2.89
N ILE A 131 -15.65 -5.49 1.67
CA ILE A 131 -15.54 -6.86 1.14
C ILE A 131 -14.09 -7.30 1.33
N PRO A 132 -13.71 -8.52 0.99
CA PRO A 132 -12.36 -8.97 1.36
C PRO A 132 -11.26 -8.03 0.88
N LEU A 133 -10.41 -7.61 1.82
CA LEU A 133 -9.64 -6.39 1.59
C LEU A 133 -8.50 -6.58 0.61
N SER A 134 -8.07 -7.81 0.38
CA SER A 134 -7.05 -8.06 -0.64
C SER A 134 -7.56 -7.79 -2.05
N GLY A 135 -8.86 -7.53 -2.23
CA GLY A 135 -9.34 -7.13 -3.54
C GLY A 135 -8.87 -5.76 -3.98
N GLY A 136 -8.27 -4.97 -3.09
CA GLY A 136 -7.74 -3.67 -3.43
C GLY A 136 -6.25 -3.71 -3.63
N ILE A 137 -5.80 -3.42 -4.85
N ILE A 137 -5.81 -3.44 -4.86
CA ILE A 137 -4.36 -3.43 -5.09
CA ILE A 137 -4.37 -3.40 -5.15
C ILE A 137 -3.68 -2.36 -4.25
C ILE A 137 -3.69 -2.36 -4.27
N ASP A 138 -4.32 -1.20 -4.09
CA ASP A 138 -3.76 -0.16 -3.23
C ASP A 138 -3.66 -0.62 -1.78
N VAL A 139 -4.63 -1.44 -1.33
CA VAL A 139 -4.58 -1.99 0.03
C VAL A 139 -3.40 -2.94 0.19
N VAL A 140 -3.25 -3.89 -0.75
CA VAL A 140 -2.14 -4.83 -0.67
C VAL A 140 -0.81 -4.09 -0.65
N ALA A 141 -0.64 -3.13 -1.56
CA ALA A 141 0.60 -2.39 -1.61
C ALA A 141 0.79 -1.48 -0.39
N HIS A 142 -0.31 -0.95 0.18
CA HIS A 142 -0.23 -0.23 1.45
C HIS A 142 0.37 -1.11 2.54
N GLU A 143 -0.13 -2.34 2.68
CA GLU A 143 0.38 -3.23 3.72
C GLU A 143 1.84 -3.59 3.49
N LEU A 144 2.19 -3.97 2.26
CA LEU A 144 3.57 -4.36 2.00
C LEU A 144 4.50 -3.17 2.22
N THR A 145 4.02 -1.96 1.94
CA THR A 145 4.86 -0.79 2.16
C THR A 145 5.14 -0.57 3.65
N HIS A 146 4.24 -0.98 4.56
CA HIS A 146 4.60 -0.93 5.97
C HIS A 146 5.86 -1.77 6.25
N ALA A 147 6.01 -2.90 5.57
CA ALA A 147 7.22 -3.72 5.71
C ALA A 147 8.45 -2.98 5.18
N VAL A 148 8.32 -2.35 4.02
CA VAL A 148 9.41 -1.52 3.49
C VAL A 148 9.82 -0.45 4.51
N THR A 149 8.84 0.25 5.06
CA THR A 149 9.14 1.27 6.06
C THR A 149 9.84 0.66 7.28
N ASP A 150 9.38 -0.51 7.74
CA ASP A 150 10.00 -1.16 8.89
C ASP A 150 11.50 -1.33 8.70
N TYR A 151 11.92 -1.67 7.47
CA TYR A 151 13.30 -1.99 7.15
C TYR A 151 14.12 -0.78 6.73
N THR A 152 13.48 0.38 6.55
CA THR A 152 14.15 1.57 6.07
C THR A 152 14.02 2.64 7.14
N ALA A 153 13.15 3.62 6.96
CA ALA A 153 13.08 4.74 7.90
C ALA A 153 12.70 4.27 9.30
N GLY A 154 11.82 3.27 9.40
CA GLY A 154 11.43 2.78 10.71
C GLY A 154 10.56 3.72 11.50
N LEU A 155 9.76 4.55 10.81
CA LEU A 155 8.92 5.55 11.42
C LEU A 155 8.03 4.95 12.50
N ILE A 156 8.14 5.51 13.71
N ILE A 156 8.14 5.52 13.71
CA ILE A 156 7.36 5.04 14.85
CA ILE A 156 7.36 5.08 14.85
C ILE A 156 5.89 5.34 14.60
C ILE A 156 5.88 5.34 14.58
N TYR A 157 5.03 4.39 14.97
CA TYR A 157 3.60 4.43 14.58
C TYR A 157 2.74 5.24 15.55
N GLN A 158 3.10 6.51 15.73
CA GLN A 158 2.30 7.41 16.54
C GLN A 158 2.61 8.84 16.12
N ASN A 159 1.62 9.71 16.31
CA ASN A 159 1.79 11.16 16.13
C ASN A 159 2.34 11.44 14.72
N GLU A 160 3.22 12.43 14.54
CA GLU A 160 3.59 12.84 13.19
C GLU A 160 4.39 11.76 12.47
N SER A 161 5.34 11.10 13.14
CA SER A 161 6.08 10.04 12.46
C SER A 161 5.13 8.95 11.98
N GLY A 162 4.10 8.65 12.77
CA GLY A 162 3.15 7.62 12.39
C GLY A 162 2.26 8.04 11.24
N ALA A 163 1.90 9.32 11.19
CA ALA A 163 1.15 9.82 10.05
C ALA A 163 1.99 9.81 8.78
N ILE A 164 3.31 10.05 8.89
CA ILE A 164 4.18 9.87 7.74
C ILE A 164 4.22 8.41 7.33
N ASN A 165 4.36 7.51 8.30
CA ASN A 165 4.33 6.08 8.02
C ASN A 165 3.09 5.71 7.21
N GLU A 166 1.92 6.16 7.68
CA GLU A 166 0.67 5.92 6.97
C GLU A 166 0.68 6.51 5.56
N ALA A 167 1.10 7.77 5.44
CA ALA A 167 1.08 8.42 4.14
C ALA A 167 2.01 7.71 3.16
N ILE A 168 3.18 7.28 3.63
CA ILE A 168 4.09 6.52 2.76
C ILE A 168 3.38 5.29 2.20
N SER A 169 2.64 4.57 3.05
CA SER A 169 1.86 3.42 2.58
C SER A 169 0.76 3.81 1.60
N ASP A 170 0.08 4.94 1.82
CA ASP A 170 -0.96 5.37 0.87
C ASP A 170 -0.33 5.83 -0.44
N ILE A 171 0.79 6.55 -0.37
CA ILE A 171 1.47 7.03 -1.57
C ILE A 171 1.91 5.86 -2.43
N PHE A 172 2.67 4.92 -1.86
CA PHE A 172 3.15 3.80 -2.66
C PHE A 172 2.01 2.85 -3.01
N GLY A 173 1.01 2.71 -2.15
CA GLY A 173 -0.16 1.94 -2.55
C GLY A 173 -0.76 2.49 -3.83
N THR A 174 -0.88 3.81 -3.90
CA THR A 174 -1.41 4.48 -5.09
C THR A 174 -0.47 4.37 -6.28
N LEU A 175 0.84 4.53 -6.08
CA LEU A 175 1.76 4.40 -7.20
C LEU A 175 1.77 2.98 -7.75
N VAL A 176 1.61 1.96 -6.90
CA VAL A 176 1.45 0.59 -7.39
C VAL A 176 0.16 0.46 -8.17
N GLU A 177 -0.93 1.04 -7.68
CA GLU A 177 -2.19 1.00 -8.42
C GLU A 177 -2.02 1.62 -9.81
N PHE A 178 -1.32 2.74 -9.90
CA PHE A 178 -1.05 3.32 -11.22
C PHE A 178 -0.16 2.42 -12.06
N TYR A 179 0.84 1.79 -11.44
CA TYR A 179 1.73 0.87 -12.15
C TYR A 179 0.95 -0.26 -12.82
N ALA A 180 -0.01 -0.84 -12.11
CA ALA A 180 -0.82 -1.90 -12.70
C ALA A 180 -1.80 -1.34 -13.74
N ASN A 181 -2.21 -0.08 -13.57
CA ASN A 181 -2.95 0.67 -14.59
C ASN A 181 -4.35 0.10 -14.84
N LYS A 182 -5.01 -0.36 -13.80
CA LYS A 182 -6.41 -0.77 -13.85
C LYS A 182 -7.21 0.18 -12.96
N ASN A 183 -8.02 1.03 -13.56
CA ASN A 183 -8.83 2.01 -12.86
C ASN A 183 -8.04 2.77 -11.79
N PRO A 184 -6.87 3.31 -12.13
CA PRO A 184 -6.08 3.97 -11.10
C PRO A 184 -6.67 5.31 -10.69
N ASP A 185 -6.40 5.70 -9.45
CA ASP A 185 -6.90 6.94 -8.89
C ASP A 185 -6.05 7.29 -7.69
N TRP A 186 -6.35 8.45 -7.10
CA TRP A 186 -5.72 8.93 -5.87
C TRP A 186 -6.60 8.73 -4.65
N GLU A 187 -7.49 7.74 -4.70
CA GLU A 187 -8.31 7.33 -3.58
C GLU A 187 -7.74 6.05 -2.99
N ILE A 188 -8.06 5.79 -1.73
CA ILE A 188 -7.56 4.60 -1.04
C ILE A 188 -8.71 3.65 -0.74
N GLY A 189 -8.62 2.42 -1.25
CA GLY A 189 -9.53 1.36 -0.86
C GLY A 189 -10.86 1.33 -1.57
N GLU A 190 -11.03 2.13 -2.62
CA GLU A 190 -12.33 2.25 -3.28
C GLU A 190 -12.84 0.91 -3.83
N ASP A 191 -11.95 -0.03 -4.18
CA ASP A 191 -12.42 -1.27 -4.79
C ASP A 191 -13.04 -2.23 -3.79
N VAL A 192 -12.79 -2.05 -2.50
CA VAL A 192 -13.28 -2.97 -1.48
C VAL A 192 -14.12 -2.30 -0.41
N TYR A 193 -14.23 -0.98 -0.42
CA TYR A 193 -14.95 -0.24 0.61
C TYR A 193 -16.41 -0.09 0.23
N THR A 194 -17.30 -0.30 1.20
CA THR A 194 -18.74 -0.05 1.13
C THR A 194 -19.35 -0.51 -0.19
N PRO A 195 -19.56 -1.81 -0.36
CA PRO A 195 -20.15 -2.31 -1.60
C PRO A 195 -21.51 -1.70 -1.91
N GLY A 196 -22.24 -1.20 -0.91
CA GLY A 196 -23.54 -0.60 -1.15
C GLY A 196 -23.53 0.88 -1.48
N ILE A 197 -22.34 1.50 -1.59
CA ILE A 197 -22.21 2.93 -1.86
C ILE A 197 -21.20 3.08 -2.99
N SER A 198 -21.63 3.64 -4.11
CA SER A 198 -20.71 3.83 -5.22
C SER A 198 -19.96 5.16 -5.09
N GLY A 199 -18.72 5.17 -5.55
CA GLY A 199 -17.98 6.40 -5.72
C GLY A 199 -17.27 6.91 -4.49
N ASP A 200 -17.30 6.17 -3.38
CA ASP A 200 -16.61 6.60 -2.17
C ASP A 200 -15.33 5.78 -1.99
N SER A 201 -14.67 5.99 -0.86
N SER A 201 -14.63 6.07 -0.90
CA SER A 201 -13.39 5.36 -0.59
CA SER A 201 -13.33 5.49 -0.60
C SER A 201 -13.11 5.57 0.89
C SER A 201 -13.12 5.57 0.90
N LEU A 202 -12.10 4.84 1.39
CA LEU A 202 -11.72 4.98 2.79
C LEU A 202 -11.07 6.33 3.06
N ARG A 203 -10.12 6.72 2.20
CA ARG A 203 -9.46 8.01 2.26
C ARG A 203 -9.32 8.53 0.83
N SER A 204 -9.14 9.84 0.72
CA SER A 204 -8.80 10.48 -0.54
C SER A 204 -7.48 11.22 -0.36
N MET A 205 -6.55 11.03 -1.30
CA MET A 205 -5.32 11.82 -1.29
C MET A 205 -5.51 13.14 -2.00
N SER A 206 -6.35 13.18 -3.03
CA SER A 206 -6.58 14.40 -3.79
C SER A 206 -7.42 15.39 -3.00
N ASP A 207 -8.32 14.92 -2.15
CA ASP A 207 -9.15 15.80 -1.33
C ASP A 207 -9.44 15.08 -0.01
N PRO A 208 -8.45 15.03 0.89
CA PRO A 208 -8.65 14.29 2.15
C PRO A 208 -9.88 14.74 2.92
N ALA A 209 -10.22 16.02 2.81
CA ALA A 209 -11.30 16.58 3.61
C ALA A 209 -12.66 16.03 3.23
N LYS A 210 -12.79 15.41 2.06
CA LYS A 210 -14.09 14.83 1.70
C LYS A 210 -14.53 13.81 2.73
N TYR A 211 -13.59 13.19 3.46
CA TYR A 211 -13.90 12.26 4.54
C TYR A 211 -13.43 12.79 5.89
N GLY A 212 -13.40 14.12 6.04
CA GLY A 212 -13.04 14.74 7.30
C GLY A 212 -11.57 14.67 7.67
N ASP A 213 -10.70 14.18 6.78
CA ASP A 213 -9.28 14.21 7.14
C ASP A 213 -8.67 15.56 6.78
N PRO A 214 -7.69 16.02 7.55
CA PRO A 214 -7.11 17.34 7.31
C PRO A 214 -6.31 17.39 6.03
N ASP A 215 -6.33 18.58 5.42
CA ASP A 215 -5.56 18.89 4.21
C ASP A 215 -4.66 20.09 4.43
N HIS A 216 -4.42 20.44 5.69
CA HIS A 216 -3.57 21.55 6.06
C HIS A 216 -3.12 21.33 7.49
N TYR A 217 -1.86 21.71 7.78
CA TYR A 217 -1.29 21.47 9.11
C TYR A 217 -2.10 22.16 10.20
N SER A 218 -2.73 23.30 9.90
CA SER A 218 -3.53 24.01 10.88
C SER A 218 -4.79 23.25 11.28
N LYS A 219 -5.13 22.18 10.56
CA LYS A 219 -6.28 21.34 10.86
C LYS A 219 -5.89 19.98 11.40
N ARG A 220 -4.62 19.81 11.78
CA ARG A 220 -4.16 18.53 12.26
C ARG A 220 -4.87 18.13 13.55
N TYR A 221 -5.04 16.83 13.73
CA TYR A 221 -5.59 16.26 14.94
C TYR A 221 -4.48 16.10 15.98
N THR A 222 -4.79 16.50 17.21
CA THR A 222 -3.81 16.54 18.30
C THR A 222 -4.20 15.65 19.46
N GLY A 223 -5.28 14.87 19.34
CA GLY A 223 -5.74 14.00 20.40
C GLY A 223 -5.04 12.66 20.39
N THR A 224 -5.62 11.72 21.14
CA THR A 224 -4.97 10.43 21.36
C THR A 224 -5.58 9.27 20.59
N GLN A 225 -6.76 9.43 19.99
CA GLN A 225 -7.33 8.34 19.20
C GLN A 225 -6.42 8.00 18.04
N ASP A 226 -6.51 6.75 17.59
CA ASP A 226 -5.83 6.35 16.36
C ASP A 226 -4.33 6.60 16.45
N ASN A 227 -3.74 6.27 17.60
CA ASN A 227 -2.31 6.46 17.82
C ASN A 227 -1.88 7.90 17.57
N GLY A 228 -2.72 8.84 17.98
CA GLY A 228 -2.44 10.24 17.70
C GLY A 228 -2.78 10.65 16.30
N GLY A 229 -3.79 10.00 15.70
CA GLY A 229 -4.27 10.39 14.39
C GLY A 229 -3.47 9.92 13.20
N VAL A 230 -2.85 8.74 13.25
CA VAL A 230 -1.96 8.36 12.15
C VAL A 230 -2.70 8.21 10.83
N HIS A 231 -3.96 7.75 10.86
CA HIS A 231 -4.77 7.62 9.65
C HIS A 231 -5.53 8.89 9.30
N ILE A 232 -5.41 9.92 10.13
CA ILE A 232 -6.13 11.19 9.99
C ILE A 232 -5.14 12.22 9.45
N ASN A 233 -4.07 12.47 10.19
CA ASN A 233 -3.06 13.43 9.79
C ASN A 233 -2.27 12.99 8.57
N SER A 234 -2.35 11.71 8.19
CA SER A 234 -1.78 11.30 6.92
C SER A 234 -2.35 12.12 5.76
N GLY A 235 -3.55 12.67 5.92
CA GLY A 235 -4.13 13.46 4.85
C GLY A 235 -3.31 14.68 4.48
N ILE A 236 -2.60 15.25 5.46
CA ILE A 236 -1.78 16.43 5.20
C ILE A 236 -0.65 16.08 4.26
N ILE A 237 0.01 14.94 4.52
CA ILE A 237 1.11 14.49 3.68
C ILE A 237 0.60 13.91 2.37
N ASN A 238 -0.51 13.16 2.39
CA ASN A 238 -1.09 12.66 1.17
C ASN A 238 -1.42 13.81 0.21
N LYS A 239 -1.98 14.90 0.76
CA LYS A 239 -2.31 16.05 -0.07
C LYS A 239 -1.05 16.67 -0.68
N ALA A 240 0.01 16.80 0.13
CA ALA A 240 1.26 17.33 -0.39
C ALA A 240 1.80 16.46 -1.52
N ALA A 241 1.75 15.14 -1.36
CA ALA A 241 2.25 14.23 -2.39
C ALA A 241 1.42 14.35 -3.67
N TYR A 242 0.09 14.37 -3.51
CA TYR A 242 -0.79 14.58 -4.65
C TYR A 242 -0.44 15.89 -5.38
N LEU A 243 -0.22 16.97 -4.64
CA LEU A 243 0.11 18.24 -5.27
C LEU A 243 1.46 18.17 -5.99
N ILE A 244 2.46 17.54 -5.39
CA ILE A 244 3.75 17.40 -6.07
C ILE A 244 3.56 16.73 -7.41
N SER A 245 2.77 15.65 -7.44
CA SER A 245 2.60 14.90 -8.68
C SER A 245 1.71 15.65 -9.67
N GLN A 246 0.52 16.08 -9.23
CA GLN A 246 -0.52 16.52 -10.13
C GLN A 246 -0.65 18.04 -10.22
N GLY A 247 -0.08 18.77 -9.27
CA GLY A 247 -0.20 20.21 -9.25
C GLY A 247 -1.55 20.66 -8.75
N GLY A 248 -1.66 21.96 -8.54
CA GLY A 248 -2.90 22.58 -8.15
C GLY A 248 -2.64 23.82 -7.32
N THR A 249 -3.71 24.54 -7.03
CA THR A 249 -3.67 25.67 -6.12
C THR A 249 -4.53 25.34 -4.91
N HIS A 250 -3.94 25.38 -3.73
CA HIS A 250 -4.54 24.84 -2.52
C HIS A 250 -4.31 25.87 -1.42
N TYR A 251 -5.41 26.36 -0.82
CA TYR A 251 -5.36 27.48 0.11
C TYR A 251 -4.56 28.65 -0.47
N GLY A 252 -4.74 28.89 -1.78
CA GLY A 252 -4.11 30.01 -2.44
C GLY A 252 -2.68 29.81 -2.87
N VAL A 253 -2.08 28.65 -2.59
CA VAL A 253 -0.69 28.37 -2.93
C VAL A 253 -0.65 27.47 -4.16
N SER A 254 0.00 27.93 -5.23
CA SER A 254 0.05 27.17 -6.48
C SER A 254 1.27 26.25 -6.51
N VAL A 255 1.03 25.04 -6.99
CA VAL A 255 2.06 24.01 -7.09
C VAL A 255 2.13 23.54 -8.53
N VAL A 256 3.31 23.54 -9.10
CA VAL A 256 3.53 23.00 -10.45
C VAL A 256 3.78 21.50 -10.31
N GLY A 257 2.90 20.69 -10.90
CA GLY A 257 3.05 19.25 -10.81
C GLY A 257 4.22 18.76 -11.63
N ILE A 258 4.87 17.70 -11.13
CA ILE A 258 6.02 17.09 -11.79
C ILE A 258 5.77 15.63 -12.17
N GLY A 259 4.61 15.07 -11.86
CA GLY A 259 4.26 13.73 -12.29
C GLY A 259 4.53 12.66 -11.24
N ARG A 260 3.87 11.53 -11.43
CA ARG A 260 3.91 10.43 -10.45
C ARG A 260 5.29 9.83 -10.35
N ASP A 261 5.97 9.65 -11.48
CA ASP A 261 7.25 8.95 -11.45
C ASP A 261 8.26 9.72 -10.61
N LYS A 262 8.30 11.05 -10.77
CA LYS A 262 9.22 11.85 -9.98
C LYS A 262 8.79 11.92 -8.52
N LEU A 263 7.49 12.00 -8.24
CA LEU A 263 7.03 11.89 -6.86
C LEU A 263 7.58 10.61 -6.23
N GLY A 264 7.42 9.48 -6.94
CA GLY A 264 7.87 8.21 -6.40
C GLY A 264 9.37 8.18 -6.15
N LYS A 265 10.16 8.73 -7.07
CA LYS A 265 11.60 8.77 -6.88
C LYS A 265 11.98 9.60 -5.67
N ILE A 266 11.35 10.78 -5.53
CA ILE A 266 11.67 11.68 -4.43
C ILE A 266 11.32 11.04 -3.10
N PHE A 267 10.11 10.49 -2.99
CA PHE A 267 9.69 9.92 -1.72
C PHE A 267 10.40 8.60 -1.42
N TYR A 268 10.75 7.81 -2.44
CA TYR A 268 11.51 6.60 -2.18
C TYR A 268 12.88 6.95 -1.63
N ARG A 269 13.53 7.96 -2.20
CA ARG A 269 14.82 8.37 -1.70
C ARG A 269 14.71 8.96 -0.30
N ALA A 270 13.66 9.75 -0.03
CA ALA A 270 13.49 10.29 1.31
C ALA A 270 13.33 9.15 2.32
N LEU A 271 12.51 8.15 1.96
CA LEU A 271 12.21 7.05 2.86
C LEU A 271 13.45 6.24 3.18
N THR A 272 14.31 6.04 2.19
CA THR A 272 15.43 5.12 2.32
C THR A 272 16.74 5.79 2.70
N GLN A 273 16.87 7.10 2.53
CA GLN A 273 18.13 7.79 2.79
C GLN A 273 18.06 8.89 3.84
N TYR A 274 16.88 9.41 4.17
CA TYR A 274 16.84 10.60 5.02
C TYR A 274 15.92 10.47 6.23
N LEU A 275 14.77 9.84 6.09
CA LEU A 275 13.84 9.75 7.21
C LEU A 275 14.39 8.81 8.28
N THR A 276 13.99 9.10 9.53
CA THR A 276 14.41 8.30 10.67
C THR A 276 13.17 7.91 11.47
N PRO A 277 13.32 7.10 12.52
CA PRO A 277 12.11 6.65 13.23
C PRO A 277 11.29 7.77 13.83
N THR A 278 11.92 8.90 14.18
CA THR A 278 11.23 9.99 14.86
C THR A 278 10.97 11.19 13.96
N SER A 279 11.15 11.08 12.64
CA SER A 279 10.94 12.24 11.78
C SER A 279 9.54 12.81 11.95
N ASN A 280 9.45 14.14 12.03
CA ASN A 280 8.18 14.84 12.02
C ASN A 280 7.93 15.45 10.63
N PHE A 281 6.79 16.14 10.49
CA PHE A 281 6.40 16.65 9.17
C PHE A 281 7.43 17.63 8.63
N SER A 282 7.95 18.51 9.49
CA SER A 282 8.95 19.48 9.05
C SER A 282 10.21 18.77 8.55
N GLN A 283 10.60 17.70 9.25
CA GLN A 283 11.75 16.91 8.83
C GLN A 283 11.47 16.14 7.54
N LEU A 284 10.23 15.72 7.31
CA LEU A 284 9.88 15.13 6.03
C LEU A 284 10.04 16.14 4.90
N ARG A 285 9.58 17.37 5.11
CA ARG A 285 9.78 18.40 4.08
C ARG A 285 11.26 18.51 3.75
N ALA A 286 12.10 18.61 4.78
CA ALA A 286 13.54 18.75 4.54
C ALA A 286 14.08 17.52 3.81
N ALA A 287 13.62 16.33 4.19
CA ALA A 287 14.09 15.11 3.52
C ALA A 287 13.67 15.09 2.05
N ALA A 288 12.44 15.52 1.77
CA ALA A 288 11.97 15.54 0.37
C ALA A 288 12.72 16.59 -0.43
N VAL A 289 12.98 17.76 0.15
CA VAL A 289 13.74 18.78 -0.55
C VAL A 289 15.14 18.28 -0.87
N GLN A 290 15.79 17.64 0.10
CA GLN A 290 17.14 17.14 -0.14
C GLN A 290 17.13 16.03 -1.17
N SER A 291 16.12 15.16 -1.13
CA SER A 291 16.04 14.07 -2.08
C SER A 291 15.88 14.61 -3.50
N ALA A 292 14.98 15.58 -3.67
CA ALA A 292 14.79 16.20 -4.98
C ALA A 292 16.04 16.94 -5.43
N THR A 293 16.78 17.53 -4.48
CA THR A 293 18.05 18.17 -4.83
C THR A 293 19.05 17.14 -5.34
N ASP A 294 19.17 16.00 -4.65
CA ASP A 294 20.08 14.94 -5.09
C ASP A 294 19.74 14.48 -6.50
N LEU A 295 18.45 14.34 -6.80
CA LEU A 295 18.02 13.72 -8.05
C LEU A 295 18.02 14.70 -9.21
N TYR A 296 17.64 15.95 -8.95
CA TYR A 296 17.34 16.90 -10.00
C TYR A 296 18.11 18.22 -9.92
N GLY A 297 18.77 18.50 -8.82
CA GLY A 297 19.54 19.73 -8.69
C GLY A 297 18.80 20.78 -7.87
N SER A 298 19.58 21.62 -7.17
CA SER A 298 18.99 22.57 -6.24
C SER A 298 18.16 23.64 -6.94
N THR A 299 18.47 23.96 -8.18
CA THR A 299 17.74 24.97 -8.93
C THR A 299 16.58 24.38 -9.72
N SER A 300 16.26 23.11 -9.53
CA SER A 300 15.32 22.45 -10.41
C SER A 300 13.89 22.81 -10.08
N GLN A 301 13.03 22.63 -11.09
CA GLN A 301 11.59 22.71 -10.87
C GLN A 301 11.14 21.72 -9.79
N GLU A 302 11.73 20.53 -9.79
CA GLU A 302 11.30 19.49 -8.86
C GLU A 302 11.47 19.96 -7.42
N VAL A 303 12.61 20.57 -7.09
CA VAL A 303 12.81 21.10 -5.75
C VAL A 303 11.79 22.21 -5.46
N ALA A 304 11.60 23.13 -6.42
CA ALA A 304 10.66 24.22 -6.23
C ALA A 304 9.25 23.69 -5.96
N SER A 305 8.85 22.64 -6.67
CA SER A 305 7.51 22.09 -6.52
C SER A 305 7.34 21.39 -5.18
N VAL A 306 8.38 20.71 -4.70
CA VAL A 306 8.31 20.11 -3.36
C VAL A 306 8.05 21.20 -2.32
N LYS A 307 8.78 22.31 -2.43
CA LYS A 307 8.60 23.39 -1.47
C LYS A 307 7.19 23.98 -1.56
N GLN A 308 6.69 24.19 -2.79
CA GLN A 308 5.35 24.75 -2.96
C GLN A 308 4.31 23.85 -2.32
N ALA A 309 4.43 22.53 -2.52
CA ALA A 309 3.43 21.60 -2.01
C ALA A 309 3.39 21.59 -0.49
N PHE A 310 4.57 21.58 0.15
CA PHE A 310 4.59 21.64 1.61
C PHE A 310 4.10 23.00 2.10
N ASP A 311 4.44 24.10 1.41
CA ASP A 311 3.86 25.39 1.73
C ASP A 311 2.34 25.32 1.70
N ALA A 312 1.79 24.70 0.66
CA ALA A 312 0.34 24.69 0.46
C ALA A 312 -0.37 23.98 1.61
N VAL A 313 0.26 22.97 2.20
CA VAL A 313 -0.34 22.26 3.32
C VAL A 313 0.16 22.78 4.66
N GLY A 314 0.86 23.91 4.67
CA GLY A 314 1.21 24.56 5.92
C GLY A 314 2.36 23.94 6.68
N VAL A 315 3.25 23.20 6.01
CA VAL A 315 4.36 22.51 6.66
C VAL A 315 5.65 23.21 6.25
N LYS A 316 6.33 23.80 7.21
CA LYS A 316 7.58 24.49 6.96
C LYS A 316 8.77 23.71 7.48
CA CA B . -7.09 3.58 -5.23
CA CA C . -9.40 -25.72 -7.07
CA CA D . -8.83 2.46 -8.43
CA CA E . -18.10 1.89 -1.90
ZN ZN F . -1.39 1.49 7.26
S DMS G . 10.35 -24.79 -5.17
O DMS G . 11.07 -26.05 -4.78
C1 DMS G . 11.05 -23.48 -4.13
C2 DMS G . 11.05 -24.27 -6.76
S DMS H . 21.02 -4.29 -2.87
O DMS H . 22.08 -4.29 -1.81
C1 DMS H . 21.92 -3.89 -4.40
C2 DMS H . 20.66 -6.04 -3.24
S DMS I . 4.58 10.54 -15.36
O DMS I . 5.32 10.63 -14.07
C1 DMS I . 5.77 10.12 -16.66
C2 DMS I . 3.53 9.06 -15.36
S DMS J . 0.11 -2.26 15.52
O DMS J . -0.51 -1.08 16.19
C1 DMS J . 0.81 -1.66 13.97
C2 DMS J . 1.64 -2.68 16.37
C1 0PK K . -0.66 -1.61 10.30
O1 0PK K . -0.67 -2.72 9.81
O2 0PK K . 0.43 -1.00 10.77
C2 0PK K . 1.65 -1.73 10.52
C3 0PK K . 2.79 -1.10 11.24
C4 0PK K . 3.69 -1.88 11.94
C5 0PK K . 4.75 -1.30 12.62
C6 0PK K . 4.90 0.06 12.61
C7 0PK K . 4.03 0.85 11.90
C8 0PK K . 2.98 0.26 11.22
N 0PK K . -1.74 -0.82 10.43
CA 0PK K . -3.03 -1.25 9.90
P 0PK K . -3.17 -0.44 8.21
O1P 0PK K . -2.06 -0.93 7.37
O2P 0PK K . -3.06 1.06 8.37
CB 0PK K . -4.18 -0.84 10.84
CG 0PK K . -4.18 -1.73 12.05
CD1 0PK K . -3.44 -1.42 13.19
CD2 0PK K . -4.93 -2.91 12.06
CE1 0PK K . -3.47 -2.24 14.31
CE2 0PK K . -4.95 -3.73 13.18
CZ 0PK K . -4.22 -3.40 14.30
N1 0PK K . -4.69 -0.80 7.64
CA1 0PK K . -5.23 0.07 6.59
C 0PK K . -6.04 1.22 7.18
O 0PK K . -6.00 2.34 6.68
CB1 0PK K . -6.12 -0.75 5.64
CG1 0PK K . -6.72 0.05 4.51
CD11 0PK K . -7.86 -0.70 3.82
CD21 0PK K . -5.65 0.45 3.49
N2 0PK K . -6.83 0.90 8.21
CA2 0PK K . -7.80 1.81 8.78
C9 0PK K . -7.60 1.96 10.30
O3 0PK K . -7.07 1.01 10.91
CB2 0PK K . -9.22 1.32 8.51
OXT 0PK K . -7.95 3.04 10.82
CS CS L . -14.64 7.27 4.33
#